data_5ELA
#
_entry.id   5ELA
#
_cell.length_a   63.690
_cell.length_b   63.690
_cell.length_c   266.350
_cell.angle_alpha   90.00
_cell.angle_beta   90.00
_cell.angle_gamma   120.00
#
_symmetry.space_group_name_H-M   'P 65 2 2'
#
loop_
_entity.id
_entity.type
_entity.pdbx_description
1 polymer 'Glutathione S-transferase DHAR1, mitochondrial'
2 non-polymer GLYCEROL
3 water water
#
_entity_poly.entity_id   1
_entity_poly.type   'polypeptide(L)'
_entity_poly.pdbx_seq_one_letter_code
;MALEICVKAAVGAPDHLGD(OCS)PFSQRALLTLEEKSLTYKIHLINLSDKPQWFLDISPQGKVPVLKIDDKWVTDSDVI
VGILEEKYPDPPLKTPAEFASVGSNIFGTFGTFLKSKDSNDGSEHALLVELEALENHLKSHDGPFIAGERVSAVDLSLAP
KLYHLQVALGHFKSWSVPESFPHVHNYMKTLFSLDSFEKTKTEEKYVISGWAPKVNPVEHHHHHH
;
_entity_poly.pdbx_strand_id   A
#
# COMPACT_ATOMS: atom_id res chain seq x y z
N ALA A 2 15.36 -4.88 19.08
CA ALA A 2 15.15 -3.99 17.92
C ALA A 2 13.68 -4.04 17.50
N LEU A 3 13.34 -3.13 16.61
CA LEU A 3 12.10 -3.25 15.87
C LEU A 3 12.28 -4.35 14.82
N GLU A 4 11.32 -5.27 14.77
CA GLU A 4 11.31 -6.34 13.76
C GLU A 4 9.93 -6.33 13.11
N ILE A 5 9.86 -6.69 11.83
CA ILE A 5 8.59 -6.74 11.14
C ILE A 5 8.54 -7.93 10.19
N CYS A 6 7.42 -8.65 10.25
CA CYS A 6 7.09 -9.72 9.36
C CYS A 6 6.14 -9.24 8.27
N VAL A 7 6.46 -9.61 7.03
CA VAL A 7 5.74 -9.19 5.85
C VAL A 7 5.59 -10.37 4.92
N LYS A 8 4.71 -10.23 3.94
CA LYS A 8 4.49 -11.28 2.98
C LYS A 8 5.70 -11.46 2.04
N ALA A 9 6.16 -12.69 1.87
CA ALA A 9 7.15 -12.99 0.82
C ALA A 9 6.48 -13.19 -0.52
N ALA A 10 7.22 -12.92 -1.58
CA ALA A 10 6.66 -13.03 -2.94
C ALA A 10 6.19 -14.44 -3.31
N VAL A 11 5.02 -14.52 -3.94
CA VAL A 11 4.45 -15.76 -4.43
C VAL A 11 5.33 -16.33 -5.54
N GLY A 12 5.83 -17.55 -5.30
CA GLY A 12 6.79 -18.19 -6.19
C GLY A 12 8.25 -17.78 -5.96
N ALA A 13 8.52 -16.97 -4.94
CA ALA A 13 9.89 -16.49 -4.73
C ALA A 13 10.07 -16.00 -3.30
N PRO A 14 10.03 -16.93 -2.34
CA PRO A 14 9.99 -16.57 -0.92
C PRO A 14 11.28 -15.99 -0.33
N ASP A 15 12.31 -15.80 -1.14
CA ASP A 15 13.51 -15.08 -0.72
C ASP A 15 13.44 -13.56 -1.09
N HIS A 16 12.37 -13.14 -1.77
CA HIS A 16 12.17 -11.74 -2.17
C HIS A 16 10.91 -11.17 -1.49
N LEU A 17 10.85 -9.84 -1.43
CA LEU A 17 9.76 -9.13 -0.77
C LEU A 17 8.53 -9.27 -1.62
N GLY A 18 7.41 -9.59 -0.97
CA GLY A 18 6.17 -9.84 -1.68
C GLY A 18 5.31 -8.60 -1.89
N ASP A 19 4.02 -8.80 -2.13
CA ASP A 19 3.16 -7.75 -2.64
C ASP A 19 2.07 -7.26 -1.67
N PRO A 21 0.26 -4.72 0.34
CA PRO A 21 0.18 -3.26 0.42
C PRO A 21 0.11 -2.70 1.82
N PHE A 22 -0.41 -3.48 2.75
CA PHE A 22 -0.43 -3.10 4.14
C PHE A 22 0.95 -3.26 4.81
N SER A 23 1.64 -4.33 4.48
CA SER A 23 3.03 -4.48 4.85
C SER A 23 3.81 -3.30 4.27
N GLN A 24 3.60 -2.98 3.01
CA GLN A 24 4.39 -1.91 2.43
C GLN A 24 4.06 -0.60 3.13
N ARG A 25 2.83 -0.40 3.53
CA ARG A 25 2.53 0.81 4.31
C ARG A 25 3.41 0.93 5.57
N ALA A 26 3.58 -0.19 6.28
CA ALA A 26 4.36 -0.19 7.50
C ALA A 26 5.85 0.04 7.18
N LEU A 27 6.37 -0.60 6.14
CA LEU A 27 7.75 -0.39 5.69
C LEU A 27 7.98 1.08 5.35
N LEU A 28 7.04 1.67 4.60
CA LEU A 28 7.15 3.06 4.25
C LEU A 28 7.22 3.95 5.48
N THR A 29 6.45 3.62 6.50
CA THR A 29 6.45 4.42 7.70
C THR A 29 7.77 4.27 8.48
N LEU A 30 8.32 3.06 8.54
CA LEU A 30 9.60 2.80 9.19
C LEU A 30 10.69 3.63 8.52
N GLU A 31 10.70 3.60 7.20
CA GLU A 31 11.63 4.41 6.40
C GLU A 31 11.46 5.90 6.54
N GLU A 32 10.25 6.41 6.48
CA GLU A 32 10.09 7.87 6.61
C GLU A 32 10.44 8.42 7.98
N LYS A 33 10.42 7.54 8.98
CA LYS A 33 10.89 7.84 10.32
C LYS A 33 12.41 7.57 10.45
N SER A 34 13.07 7.06 9.40
CA SER A 34 14.51 6.70 9.41
C SER A 34 14.85 5.77 10.55
N LEU A 35 13.99 4.78 10.78
CA LEU A 35 14.20 3.82 11.86
C LEU A 35 14.89 2.57 11.38
N THR A 36 15.53 1.89 12.34
CA THR A 36 16.27 0.66 12.10
C THR A 36 15.43 -0.55 12.45
N TYR A 37 15.35 -1.53 11.55
CA TYR A 37 14.48 -2.69 11.76
C TYR A 37 14.93 -3.95 11.02
N LYS A 38 14.59 -5.11 11.59
CA LYS A 38 14.75 -6.37 10.84
C LYS A 38 13.48 -6.76 10.11
N ILE A 39 13.62 -7.26 8.89
CA ILE A 39 12.52 -7.78 8.09
C ILE A 39 12.55 -9.30 8.14
N HIS A 40 11.41 -9.94 8.40
CA HIS A 40 11.27 -11.37 8.21
C HIS A 40 10.26 -11.63 7.11
N LEU A 41 10.75 -12.13 5.98
CA LEU A 41 9.89 -12.50 4.86
C LEU A 41 9.15 -13.79 5.19
N ILE A 42 7.84 -13.72 5.22
CA ILE A 42 6.99 -14.88 5.53
C ILE A 42 6.27 -15.45 4.32
N ASN A 43 6.54 -16.72 4.04
CA ASN A 43 5.84 -17.50 3.03
C ASN A 43 4.46 -17.91 3.54
N LEU A 44 3.42 -17.25 3.03
CA LEU A 44 2.06 -17.42 3.53
C LEU A 44 1.44 -18.79 3.24
N SER A 45 1.99 -19.50 2.25
CA SER A 45 1.54 -20.86 1.96
C SER A 45 2.32 -21.90 2.76
N ASP A 46 3.46 -21.54 3.34
CA ASP A 46 4.26 -22.48 4.16
C ASP A 46 4.81 -21.79 5.42
N LYS A 47 3.91 -21.52 6.35
CA LYS A 47 4.17 -20.55 7.42
C LYS A 47 4.92 -21.16 8.59
N PRO A 48 6.17 -20.70 8.85
CA PRO A 48 6.96 -21.25 9.97
C PRO A 48 6.25 -21.24 11.33
N GLN A 49 6.68 -22.12 12.24
CA GLN A 49 6.01 -22.28 13.53
C GLN A 49 6.29 -21.08 14.45
N TRP A 50 7.53 -20.58 14.44
CA TRP A 50 7.88 -19.46 15.33
C TRP A 50 6.96 -18.29 15.08
N PHE A 51 6.70 -18.04 13.80
CA PHE A 51 5.77 -17.00 13.36
C PHE A 51 4.31 -17.17 13.85
N LEU A 52 3.82 -18.40 13.96
CA LEU A 52 2.42 -18.59 14.40
C LEU A 52 2.26 -18.44 15.91
N ASP A 53 3.31 -18.78 16.64
CA ASP A 53 3.34 -18.63 18.09
C ASP A 53 3.20 -17.16 18.48
N ILE A 54 3.57 -16.26 17.55
CA ILE A 54 3.49 -14.79 17.77
C ILE A 54 2.46 -14.01 16.91
N SER A 55 1.82 -14.67 15.95
CA SER A 55 0.68 -14.11 15.23
C SER A 55 -0.41 -15.20 15.13
N PRO A 56 -1.35 -15.24 16.11
CA PRO A 56 -2.46 -16.21 16.19
C PRO A 56 -3.14 -16.54 14.87
N GLN A 57 -3.70 -15.54 14.19
CA GLN A 57 -4.32 -15.75 12.86
C GLN A 57 -3.31 -15.95 11.74
N GLY A 58 -2.03 -15.84 12.02
CA GLY A 58 -1.01 -15.99 10.99
C GLY A 58 -1.01 -14.88 9.93
N LYS A 59 -1.59 -13.72 10.26
CA LYS A 59 -1.65 -12.65 9.28
C LYS A 59 -0.42 -11.75 9.36
N VAL A 60 -0.10 -11.14 8.23
CA VAL A 60 0.91 -10.09 8.16
C VAL A 60 0.24 -8.78 7.75
N PRO A 61 0.88 -7.62 8.00
CA PRO A 61 2.16 -7.41 8.68
C PRO A 61 2.06 -7.56 10.19
N VAL A 62 3.21 -7.81 10.81
CA VAL A 62 3.30 -7.87 12.26
C VAL A 62 4.56 -7.18 12.67
N LEU A 63 4.45 -6.33 13.67
CA LEU A 63 5.58 -5.54 14.14
C LEU A 63 5.88 -5.83 15.60
N LYS A 64 7.15 -6.10 15.89
CA LYS A 64 7.60 -6.29 17.26
C LYS A 64 8.02 -4.95 17.81
N ILE A 65 7.31 -4.48 18.82
CA ILE A 65 7.65 -3.23 19.46
C ILE A 65 7.51 -3.44 20.96
N ASP A 66 8.46 -2.87 21.71
CA ASP A 66 8.69 -3.29 23.08
C ASP A 66 8.94 -4.81 23.00
N ASP A 67 8.22 -5.60 23.78
CA ASP A 67 8.32 -7.05 23.62
C ASP A 67 6.96 -7.63 23.29
N LYS A 68 6.20 -6.83 22.53
CA LYS A 68 4.88 -7.20 22.06
C LYS A 68 4.92 -7.30 20.51
N TRP A 69 4.33 -8.36 19.96
CA TRP A 69 4.08 -8.46 18.54
C TRP A 69 2.70 -7.94 18.15
N VAL A 70 2.66 -6.92 17.31
CA VAL A 70 1.42 -6.20 17.00
C VAL A 70 0.97 -6.33 15.53
N THR A 71 -0.29 -6.71 15.33
CA THR A 71 -0.89 -6.81 14.00
C THR A 71 -1.73 -5.57 13.69
N ASP A 72 -2.22 -5.51 12.44
CA ASP A 72 -3.12 -4.45 11.97
C ASP A 72 -2.31 -3.22 11.57
N SER A 73 -2.17 -3.01 10.26
CA SER A 73 -1.31 -1.95 9.74
C SER A 73 -1.68 -0.55 10.22
N ASP A 74 -2.97 -0.26 10.48
CA ASP A 74 -3.40 1.03 11.09
C ASP A 74 -2.83 1.25 12.46
N VAL A 75 -2.92 0.19 13.27
CA VAL A 75 -2.41 0.20 14.64
C VAL A 75 -0.88 0.37 14.61
N ILE A 76 -0.23 -0.43 13.78
CA ILE A 76 1.21 -0.44 13.63
C ILE A 76 1.72 0.95 13.32
N VAL A 77 1.13 1.63 12.33
CA VAL A 77 1.66 2.95 11.97
C VAL A 77 1.34 4.05 12.97
N GLY A 78 0.25 3.88 13.74
CA GLY A 78 -0.09 4.85 14.79
C GLY A 78 0.76 4.67 16.04
N ILE A 79 1.08 3.43 16.39
CA ILE A 79 2.09 3.18 17.44
C ILE A 79 3.44 3.80 17.05
N LEU A 80 3.86 3.65 15.80
CA LEU A 80 5.11 4.25 15.36
C LEU A 80 5.06 5.76 15.43
N GLU A 81 3.93 6.37 15.04
CA GLU A 81 3.80 7.82 15.13
C GLU A 81 3.88 8.36 16.55
N GLU A 82 3.35 7.61 17.52
CA GLU A 82 3.35 8.01 18.93
C GLU A 82 4.71 7.84 19.53
N LYS A 83 5.33 6.69 19.28
CA LYS A 83 6.66 6.41 19.80
C LYS A 83 7.77 7.24 19.20
N TYR A 84 7.69 7.57 17.91
CA TYR A 84 8.73 8.34 17.22
C TYR A 84 8.08 9.51 16.51
N PRO A 85 7.73 10.58 17.24
CA PRO A 85 6.95 11.67 16.67
C PRO A 85 7.62 12.52 15.58
N ASP A 86 8.95 12.49 15.49
CA ASP A 86 9.67 13.30 14.51
C ASP A 86 10.42 12.40 13.55
N PRO A 87 10.32 12.68 12.25
CA PRO A 87 9.49 13.74 11.64
C PRO A 87 8.03 13.33 11.69
N PRO A 88 7.12 14.28 11.86
CA PRO A 88 5.72 13.84 12.01
C PRO A 88 5.13 13.39 10.69
N LEU A 89 4.21 12.42 10.75
CA LEU A 89 3.47 11.93 9.59
C LEU A 89 1.95 12.00 9.73
N LYS A 90 1.47 12.56 10.84
CA LYS A 90 0.04 12.81 11.04
C LYS A 90 -0.54 13.48 9.79
N THR A 91 -1.65 12.98 9.30
CA THR A 91 -2.39 13.65 8.25
C THR A 91 -3.56 14.41 8.89
N PRO A 92 -3.78 15.68 8.53
CA PRO A 92 -5.00 16.35 9.03
C PRO A 92 -6.25 15.52 8.76
N ALA A 93 -7.11 15.42 9.76
CA ALA A 93 -8.24 14.48 9.79
C ALA A 93 -9.16 14.62 8.60
N GLU A 94 -9.26 15.87 8.17
CA GLU A 94 -10.07 16.25 7.04
C GLU A 94 -9.65 15.52 5.75
N PHE A 95 -8.39 15.15 5.63
CA PHE A 95 -7.88 14.50 4.43
C PHE A 95 -7.44 13.07 4.64
N ALA A 96 -7.63 12.54 5.84
CA ALA A 96 -7.11 11.21 6.16
C ALA A 96 -7.80 10.08 5.41
N SER A 97 -8.97 10.34 4.84
CA SER A 97 -9.72 9.35 4.11
C SER A 97 -9.70 9.55 2.58
N VAL A 98 -8.97 10.57 2.12
CA VAL A 98 -8.84 10.80 0.69
C VAL A 98 -8.35 9.51 0.04
N GLY A 99 -9.05 9.10 -1.00
CA GLY A 99 -8.66 7.94 -1.76
C GLY A 99 -9.03 6.59 -1.16
N SER A 100 -9.75 6.58 -0.05
CA SER A 100 -9.92 5.32 0.71
C SER A 100 -10.67 4.21 -0.01
N ASN A 101 -11.44 4.50 -1.05
CA ASN A 101 -12.17 3.43 -1.75
C ASN A 101 -11.59 3.00 -3.10
N ILE A 102 -10.38 3.49 -3.39
CA ILE A 102 -9.79 3.22 -4.67
C ILE A 102 -9.37 1.78 -4.71
N PHE A 103 -8.75 1.32 -3.63
CA PHE A 103 -8.23 -0.04 -3.59
C PHE A 103 -9.36 -1.06 -3.76
N GLY A 104 -10.48 -0.85 -3.05
CA GLY A 104 -11.63 -1.77 -3.14
C GLY A 104 -12.25 -1.81 -4.51
N THR A 105 -12.49 -0.65 -5.10
CA THR A 105 -13.07 -0.62 -6.44
C THR A 105 -12.09 -1.07 -7.51
N PHE A 106 -10.80 -0.93 -7.25
CA PHE A 106 -9.81 -1.48 -8.20
C PHE A 106 -9.85 -3.02 -8.17
N GLY A 107 -9.91 -3.59 -6.98
CA GLY A 107 -9.98 -5.04 -6.83
C GLY A 107 -11.19 -5.59 -7.57
N THR A 108 -12.36 -5.02 -7.33
CA THR A 108 -13.60 -5.48 -8.00
C THR A 108 -13.49 -5.38 -9.54
N PHE A 109 -12.97 -4.24 -10.03
CA PHE A 109 -12.79 -4.11 -11.49
C PHE A 109 -11.75 -5.09 -12.03
N LEU A 110 -10.67 -5.29 -11.30
CA LEU A 110 -9.63 -6.21 -11.73
C LEU A 110 -10.23 -7.61 -11.95
N LYS A 111 -11.13 -7.99 -11.03
CA LYS A 111 -11.70 -9.35 -10.99
C LYS A 111 -12.82 -9.57 -12.00
N SER A 112 -13.69 -8.58 -12.17
CA SER A 112 -14.67 -8.62 -13.25
C SER A 112 -14.15 -9.24 -14.58
N LYS A 113 -14.97 -10.12 -15.18
CA LYS A 113 -14.87 -10.48 -16.62
C LYS A 113 -16.16 -10.03 -17.36
N ASP A 114 -17.07 -9.38 -16.64
CA ASP A 114 -18.34 -8.87 -17.21
C ASP A 114 -18.27 -7.36 -17.46
N SER A 115 -17.89 -7.01 -18.69
CA SER A 115 -17.80 -5.63 -19.20
C SER A 115 -18.95 -4.63 -18.89
N ASN A 116 -20.06 -5.10 -18.32
CA ASN A 116 -21.24 -4.27 -18.03
C ASN A 116 -21.71 -4.28 -16.57
N ASP A 117 -20.93 -4.90 -15.67
CA ASP A 117 -21.25 -4.92 -14.25
C ASP A 117 -21.07 -3.54 -13.55
N GLY A 118 -20.64 -2.51 -14.26
CA GLY A 118 -20.51 -1.18 -13.64
C GLY A 118 -19.26 -0.97 -12.76
N SER A 119 -18.32 -1.92 -12.81
CA SER A 119 -17.20 -1.96 -11.88
C SER A 119 -16.12 -0.94 -12.30
N GLU A 120 -15.92 -0.81 -13.61
CA GLU A 120 -15.04 0.21 -14.19
C GLU A 120 -15.46 1.59 -13.74
N HIS A 121 -16.72 1.92 -14.03
CA HIS A 121 -17.31 3.18 -13.61
C HIS A 121 -17.16 3.42 -12.11
N ALA A 122 -17.38 2.41 -11.29
CA ALA A 122 -17.23 2.64 -9.85
C ALA A 122 -15.76 3.04 -9.53
N LEU A 123 -14.78 2.44 -10.19
CA LEU A 123 -13.38 2.82 -9.95
C LEU A 123 -13.16 4.27 -10.43
N LEU A 124 -13.65 4.59 -11.63
CA LEU A 124 -13.52 5.92 -12.23
C LEU A 124 -14.07 6.99 -11.33
N VAL A 125 -15.18 6.72 -10.64
CA VAL A 125 -15.73 7.70 -9.70
C VAL A 125 -14.78 7.98 -8.52
N GLU A 126 -14.07 6.95 -8.04
CA GLU A 126 -13.08 7.13 -6.93
C GLU A 126 -11.82 7.87 -7.32
N LEU A 127 -11.29 7.54 -8.49
CA LEU A 127 -10.23 8.30 -9.12
C LEU A 127 -10.63 9.75 -9.33
N GLU A 128 -11.85 9.95 -9.80
CA GLU A 128 -12.40 11.29 -10.02
C GLU A 128 -12.33 12.09 -8.73
N ALA A 129 -12.66 11.46 -7.61
CA ALA A 129 -12.73 12.16 -6.38
C ALA A 129 -11.32 12.50 -5.91
N LEU A 130 -10.34 11.69 -6.25
CA LEU A 130 -8.96 11.96 -5.83
C LEU A 130 -8.40 13.09 -6.69
N GLU A 131 -8.72 13.05 -7.98
CA GLU A 131 -8.45 14.13 -8.88
C GLU A 131 -9.00 15.44 -8.37
N ASN A 132 -10.24 15.44 -7.85
CA ASN A 132 -10.83 16.69 -7.41
C ASN A 132 -10.16 17.21 -6.18
N HIS A 133 -9.75 16.33 -5.27
CA HIS A 133 -8.96 16.76 -4.14
C HIS A 133 -7.65 17.39 -4.58
N LEU A 134 -6.89 16.64 -5.36
CA LEU A 134 -5.54 17.07 -5.76
C LEU A 134 -5.50 18.39 -6.49
N LYS A 135 -6.47 18.63 -7.37
CA LYS A 135 -6.47 19.83 -8.17
C LYS A 135 -6.87 21.08 -7.41
N SER A 136 -7.52 20.91 -6.26
CA SER A 136 -8.01 22.03 -5.49
C SER A 136 -7.27 22.21 -4.15
N HIS A 137 -6.24 21.42 -3.89
CA HIS A 137 -5.47 21.57 -2.67
C HIS A 137 -4.02 21.57 -3.06
N ASP A 138 -3.21 22.31 -2.31
CA ASP A 138 -1.78 22.42 -2.60
C ASP A 138 -1.08 21.10 -2.36
N GLY A 139 -0.13 20.78 -3.20
CA GLY A 139 0.58 19.51 -3.05
C GLY A 139 2.05 19.68 -2.72
N PRO A 140 2.90 18.72 -3.17
CA PRO A 140 2.62 17.60 -4.05
C PRO A 140 1.87 16.43 -3.41
N PHE A 141 1.66 16.47 -2.10
CA PHE A 141 1.05 15.37 -1.41
C PHE A 141 -0.36 15.77 -1.04
N ILE A 142 -1.12 14.79 -0.56
CA ILE A 142 -2.51 15.05 -0.25
C ILE A 142 -2.67 16.21 0.72
N ALA A 143 -1.80 16.28 1.74
CA ALA A 143 -1.85 17.36 2.72
C ALA A 143 -0.72 18.37 2.51
N GLY A 144 -0.26 18.54 1.28
CA GLY A 144 0.70 19.62 0.98
C GLY A 144 2.12 19.22 0.70
N GLU A 145 3.03 20.04 1.24
CA GLU A 145 4.44 19.95 0.99
C GLU A 145 5.07 18.64 1.38
N ARG A 146 4.67 18.07 2.52
CA ARG A 146 5.35 16.87 3.04
C ARG A 146 4.44 15.64 2.96
N VAL A 147 5.07 14.52 2.64
CA VAL A 147 4.43 13.25 2.67
C VAL A 147 3.84 12.97 4.09
N SER A 148 2.66 12.35 4.15
CA SER A 148 2.08 12.03 5.43
C SER A 148 1.41 10.67 5.36
N ALA A 149 0.82 10.23 6.46
CA ALA A 149 0.22 8.89 6.60
C ALA A 149 -0.68 8.46 5.49
N VAL A 150 -1.63 9.32 5.10
CA VAL A 150 -2.51 8.98 3.98
C VAL A 150 -1.75 8.65 2.68
N ASP A 151 -0.65 9.36 2.37
CA ASP A 151 0.12 9.10 1.15
C ASP A 151 0.78 7.72 1.26
N LEU A 152 1.21 7.37 2.45
CA LEU A 152 1.89 6.07 2.65
C LEU A 152 0.93 4.89 2.64
N SER A 153 -0.33 5.11 3.05
CA SER A 153 -1.36 4.08 2.94
C SER A 153 -1.75 3.87 1.49
N LEU A 154 -1.87 4.98 0.79
CA LEU A 154 -2.34 5.00 -0.57
C LEU A 154 -1.33 4.60 -1.64
N ALA A 155 -0.04 4.88 -1.42
CA ALA A 155 0.97 4.64 -2.44
C ALA A 155 1.05 3.16 -2.87
N PRO A 156 1.15 2.24 -1.91
CA PRO A 156 1.16 0.83 -2.27
C PRO A 156 -0.10 0.37 -3.00
N LYS A 157 -1.23 0.95 -2.65
CA LYS A 157 -2.49 0.57 -3.30
C LYS A 157 -2.55 1.10 -4.73
N LEU A 158 -2.08 2.31 -4.94
CA LEU A 158 -2.03 2.87 -6.30
C LEU A 158 -1.00 2.19 -7.20
N TYR A 159 0.08 1.71 -6.59
CA TYR A 159 1.06 0.94 -7.33
C TYR A 159 0.45 -0.37 -7.86
N HIS A 160 -0.21 -1.09 -6.95
CA HIS A 160 -0.96 -2.31 -7.31
C HIS A 160 -1.94 -2.06 -8.41
N LEU A 161 -2.66 -0.98 -8.29
CA LEU A 161 -3.62 -0.65 -9.33
C LEU A 161 -2.93 -0.42 -10.65
N GLN A 162 -1.85 0.33 -10.66
CA GLN A 162 -1.22 0.59 -11.92
C GLN A 162 -0.69 -0.71 -12.58
N VAL A 163 0.01 -1.50 -11.78
CA VAL A 163 0.79 -2.64 -12.23
C VAL A 163 -0.19 -3.74 -12.62
N ALA A 164 -1.14 -4.03 -11.74
CA ALA A 164 -2.15 -5.07 -11.98
C ALA A 164 -3.15 -4.77 -13.11
N LEU A 165 -3.72 -3.59 -13.14
CA LEU A 165 -4.65 -3.32 -14.22
C LEU A 165 -3.93 -3.20 -15.55
N GLY A 166 -2.69 -2.77 -15.47
CA GLY A 166 -1.86 -2.63 -16.65
C GLY A 166 -1.55 -4.00 -17.22
N HIS A 167 -1.04 -4.88 -16.37
CA HIS A 167 -0.73 -6.23 -16.82
C HIS A 167 -1.95 -7.09 -17.20
N PHE A 168 -2.96 -7.10 -16.36
CA PHE A 168 -4.09 -7.99 -16.59
C PHE A 168 -5.07 -7.49 -17.62
N LYS A 169 -5.17 -6.17 -17.77
CA LYS A 169 -6.18 -5.61 -18.66
C LYS A 169 -5.73 -4.60 -19.71
N SER A 170 -4.42 -4.30 -19.78
CA SER A 170 -3.93 -3.22 -20.62
C SER A 170 -4.69 -1.90 -20.37
N TRP A 171 -4.93 -1.61 -19.10
CA TRP A 171 -5.78 -0.49 -18.68
C TRP A 171 -4.95 0.43 -17.83
N SER A 172 -5.06 1.73 -18.10
CA SER A 172 -4.36 2.78 -17.43
C SER A 172 -5.32 3.80 -16.91
N VAL A 173 -4.98 4.45 -15.81
CA VAL A 173 -5.67 5.67 -15.41
C VAL A 173 -5.78 6.61 -16.61
N PRO A 174 -7.00 7.00 -17.01
CA PRO A 174 -7.13 7.88 -18.19
C PRO A 174 -6.31 9.16 -18.07
N GLU A 175 -5.94 9.69 -19.22
CA GLU A 175 -5.14 10.89 -19.37
C GLU A 175 -5.83 12.09 -18.77
N SER A 176 -7.16 12.02 -18.73
CA SER A 176 -8.02 13.04 -18.18
C SER A 176 -7.97 13.18 -16.64
N PHE A 177 -7.13 12.40 -15.96
CA PHE A 177 -6.82 12.61 -14.53
C PHE A 177 -5.34 13.02 -14.40
N PRO A 178 -4.97 14.17 -14.95
CA PRO A 178 -3.52 14.45 -14.93
C PRO A 178 -2.97 14.63 -13.51
N HIS A 179 -3.75 15.17 -12.57
CA HIS A 179 -3.26 15.24 -11.20
C HIS A 179 -3.02 13.92 -10.55
N VAL A 180 -3.90 12.94 -10.83
CA VAL A 180 -3.64 11.61 -10.30
C VAL A 180 -2.36 11.00 -10.86
N HIS A 181 -2.11 11.13 -12.17
CA HIS A 181 -0.85 10.64 -12.77
C HIS A 181 0.38 11.30 -12.11
N ASN A 182 0.34 12.63 -12.02
CA ASN A 182 1.41 13.39 -11.38
CA ASN A 182 1.38 13.45 -11.35
C ASN A 182 1.65 12.97 -9.93
N TYR A 183 0.57 12.76 -9.18
CA TYR A 183 0.63 12.33 -7.77
C TYR A 183 1.21 10.91 -7.67
N MET A 184 0.83 10.02 -8.55
CA MET A 184 1.41 8.70 -8.59
C MET A 184 2.91 8.77 -8.88
N LYS A 185 3.33 9.52 -9.88
CA LYS A 185 4.77 9.73 -10.10
C LYS A 185 5.45 10.28 -8.84
N THR A 186 4.86 11.27 -8.19
CA THR A 186 5.49 11.81 -6.98
C THR A 186 5.73 10.72 -5.96
N LEU A 187 4.74 9.85 -5.77
CA LEU A 187 4.78 8.82 -4.73
C LEU A 187 5.80 7.72 -5.05
N PHE A 188 5.84 7.26 -6.30
CA PHE A 188 6.74 6.20 -6.72
C PHE A 188 8.22 6.65 -6.85
N SER A 189 8.45 7.94 -6.96
CA SER A 189 9.82 8.39 -6.88
C SER A 189 10.24 8.85 -5.45
N LEU A 190 9.40 8.65 -4.44
CA LEU A 190 9.91 8.76 -3.07
C LEU A 190 11.03 7.73 -2.82
N ASP A 191 12.07 8.14 -2.10
CA ASP A 191 13.15 7.23 -1.70
C ASP A 191 12.64 6.08 -0.86
N SER A 192 11.78 6.36 0.11
CA SER A 192 11.13 5.32 0.88
C SER A 192 10.37 4.31 -0.03
N PHE A 193 9.65 4.80 -1.02
CA PHE A 193 8.92 3.92 -1.94
C PHE A 193 9.87 3.03 -2.74
N GLU A 194 10.85 3.66 -3.38
CA GLU A 194 11.88 2.92 -4.11
C GLU A 194 12.51 1.86 -3.23
N LYS A 195 12.85 2.22 -1.99
CA LYS A 195 13.51 1.28 -1.11
C LYS A 195 12.59 0.09 -0.72
N THR A 196 11.27 0.27 -0.66
CA THR A 196 10.38 -0.76 -0.11
C THR A 196 9.48 -1.42 -1.15
N LYS A 197 9.60 -1.04 -2.43
CA LYS A 197 8.63 -1.46 -3.44
C LYS A 197 8.81 -2.95 -3.71
N THR A 198 7.68 -3.59 -4.03
CA THR A 198 7.62 -4.90 -4.61
C THR A 198 7.96 -4.80 -6.10
N GLU A 199 8.90 -5.63 -6.53
CA GLU A 199 9.13 -5.81 -7.96
C GLU A 199 7.77 -6.12 -8.64
N GLU A 200 7.59 -5.62 -9.86
CA GLU A 200 6.32 -5.81 -10.58
C GLU A 200 5.93 -7.26 -10.83
N LYS A 201 6.93 -8.06 -11.19
CA LYS A 201 6.89 -9.52 -11.23
C LYS A 201 5.97 -10.10 -10.16
N TYR A 202 6.19 -9.64 -8.93
CA TYR A 202 5.64 -10.28 -7.75
C TYR A 202 4.32 -9.67 -7.32
N VAL A 203 3.98 -8.49 -7.85
CA VAL A 203 2.58 -8.04 -7.77
C VAL A 203 1.74 -8.90 -8.71
N ILE A 204 2.29 -9.21 -9.89
CA ILE A 204 1.63 -10.10 -10.86
C ILE A 204 1.48 -11.50 -10.30
N SER A 205 2.56 -12.09 -9.78
CA SER A 205 2.48 -13.43 -9.22
C SER A 205 1.53 -13.45 -8.02
N GLY A 206 1.50 -12.36 -7.25
CA GLY A 206 0.59 -12.27 -6.10
C GLY A 206 -0.87 -12.28 -6.46
N TRP A 207 -1.23 -11.51 -7.49
CA TRP A 207 -2.62 -11.36 -7.94
C TRP A 207 -3.11 -12.48 -8.81
N ALA A 208 -2.21 -13.21 -9.48
CA ALA A 208 -2.61 -14.12 -10.54
C ALA A 208 -3.61 -15.18 -10.03
N PRO A 209 -3.33 -15.81 -8.88
CA PRO A 209 -4.31 -16.80 -8.42
C PRO A 209 -5.64 -16.18 -7.98
N LYS A 210 -5.66 -14.88 -7.68
CA LYS A 210 -6.88 -14.21 -7.17
C LYS A 210 -7.76 -13.52 -8.20
N VAL A 211 -7.29 -13.39 -9.43
CA VAL A 211 -8.11 -12.75 -10.45
C VAL A 211 -9.34 -13.58 -10.83
N ASN A 212 -9.28 -14.90 -10.65
CA ASN A 212 -10.44 -15.71 -10.94
C ASN A 212 -10.73 -16.87 -10.00
N PRO A 213 -11.72 -16.69 -9.11
CA PRO A 213 -12.38 -17.83 -8.42
C PRO A 213 -13.49 -18.49 -9.26
#